data_2YJM
#
_entry.id   2YJM
#
_cell.length_a   91.160
_cell.length_b   37.930
_cell.length_c   49.120
_cell.angle_alpha   90.00
_cell.angle_beta   94.16
_cell.angle_gamma   90.00
#
_symmetry.space_group_name_H-M   'C 1 2 1'
#
loop_
_entity.id
_entity.type
_entity.pdbx_description
1 polymer TTRD
2 non-polymer '2-[N-CYCLOHEXYLAMINO]ETHANE SULFONIC ACID'
3 water water
#
_entity_poly.entity_id   1
_entity_poly.type   'polypeptide(L)'
_entity_poly.pdbx_seq_one_letter_code
;GAMTIGRAKVYATLSKIFYHLFYDEAIPKDCREIIEKFGEIDFNLRSVLVRELRGSVLIKDMPQSLAEVYESVMKDFYER
YGFQASELHADHIAVELAFMSKLVEREISLAQQMKEEELYKIRAAQHRFIKAHLQPLVKNLPSAPLLNFVRDFVREDAKY
LYSSLVGEKNEGADNN
;
_entity_poly.pdbx_strand_id   A
#
loop_
_chem_comp.id
_chem_comp.type
_chem_comp.name
_chem_comp.formula
NHE non-polymer '2-[N-CYCLOHEXYLAMINO]ETHANE SULFONIC ACID' 'C8 H17 N O3 S'
#
# COMPACT_ATOMS: atom_id res chain seq x y z
N GLY A 1 -14.55 -12.11 5.46
CA GLY A 1 -14.33 -12.57 6.87
C GLY A 1 -12.96 -12.24 7.41
N ALA A 2 -12.42 -13.16 8.21
CA ALA A 2 -11.13 -13.00 8.90
C ALA A 2 -10.01 -12.57 7.97
N MET A 3 -9.92 -13.19 6.79
CA MET A 3 -8.85 -12.87 5.84
C MET A 3 -8.90 -11.40 5.43
N THR A 4 -10.09 -10.93 5.03
CA THR A 4 -10.25 -9.58 4.53
C THR A 4 -9.94 -8.52 5.60
N ILE A 5 -10.40 -8.77 6.83
CA ILE A 5 -10.12 -7.90 7.97
C ILE A 5 -8.62 -7.80 8.21
N GLY A 6 -7.94 -8.95 8.12
CA GLY A 6 -6.50 -9.03 8.34
C GLY A 6 -5.70 -8.26 7.31
N ARG A 7 -6.07 -8.41 6.04
CA ARG A 7 -5.45 -7.70 4.93
C ARG A 7 -5.55 -6.19 5.09
N ALA A 8 -6.75 -5.72 5.44
CA ALA A 8 -7.00 -4.30 5.67
C ALA A 8 -6.13 -3.78 6.81
N LYS A 9 -6.02 -4.55 7.88
CA LYS A 9 -5.23 -4.16 9.04
C LYS A 9 -3.73 -4.02 8.70
N VAL A 10 -3.18 -4.98 7.94
CA VAL A 10 -1.77 -4.91 7.55
C VAL A 10 -1.50 -3.69 6.66
N TYR A 11 -2.35 -3.47 5.66
CA TYR A 11 -2.21 -2.30 4.78
C TYR A 11 -2.27 -0.97 5.58
N ALA A 12 -3.30 -0.84 6.44
CA ALA A 12 -3.48 0.36 7.30
C ALA A 12 -2.30 0.56 8.24
N THR A 13 -1.86 -0.50 8.88
CA THR A 13 -0.74 -0.45 9.82
C THR A 13 0.59 -0.06 9.13
N LEU A 14 0.91 -0.68 8.00
CA LEU A 14 2.09 -0.31 7.22
C LEU A 14 2.00 1.16 6.77
N SER A 15 0.84 1.58 6.28
CA SER A 15 0.68 2.97 5.87
C SER A 15 0.98 3.94 7.02
N LYS A 16 0.37 3.71 8.19
CA LYS A 16 0.57 4.57 9.36
C LYS A 16 2.04 4.63 9.76
N ILE A 17 2.71 3.48 9.73
CA ILE A 17 4.14 3.41 10.07
C ILE A 17 4.96 4.31 9.15
N PHE A 18 4.73 4.22 7.85
CA PHE A 18 5.46 5.06 6.90
C PHE A 18 5.17 6.57 7.07
N TYR A 19 3.93 6.93 7.38
CA TYR A 19 3.58 8.34 7.70
C TYR A 19 4.38 8.89 8.88
N HIS A 20 4.48 8.10 9.95
CA HIS A 20 5.26 8.52 11.10
C HIS A 20 6.75 8.65 10.74
N LEU A 21 7.29 7.66 10.03
CA LEU A 21 8.70 7.73 9.62
C LEU A 21 8.97 8.91 8.70
N PHE A 22 8.00 9.22 7.84
CA PHE A 22 8.10 10.36 6.92
C PHE A 22 8.39 11.65 7.68
N TYR A 23 7.61 11.90 8.73
CA TYR A 23 7.76 13.12 9.54
C TYR A 23 8.74 12.97 10.71
N ASP A 24 9.51 11.88 10.71
CA ASP A 24 10.52 11.62 11.72
C ASP A 24 9.91 11.58 13.13
N GLU A 25 8.73 10.97 13.22
CA GLU A 25 8.00 10.76 14.48
C GLU A 25 8.15 9.32 14.95
N ALA A 26 8.14 9.12 16.27
CA ALA A 26 8.15 7.78 16.84
C ALA A 26 6.91 7.01 16.40
N ILE A 27 7.10 5.73 16.09
CA ILE A 27 5.97 4.87 15.79
C ILE A 27 5.25 4.58 17.09
N PRO A 28 3.92 4.84 17.13
CA PRO A 28 3.13 4.47 18.30
C PRO A 28 3.34 2.99 18.60
N LYS A 29 3.48 2.64 19.87
CA LYS A 29 3.77 1.24 20.24
C LYS A 29 2.65 0.29 19.82
N ASP A 30 1.44 0.84 19.68
CA ASP A 30 0.30 0.09 19.16
C ASP A 30 0.56 -0.41 17.73
N CYS A 31 1.11 0.47 16.88
CA CYS A 31 1.48 0.11 15.51
C CYS A 31 2.64 -0.87 15.45
N ARG A 32 3.65 -0.65 16.29
CA ARG A 32 4.82 -1.51 16.34
C ARG A 32 4.41 -2.92 16.73
N GLU A 33 3.70 -3.04 17.86
CA GLU A 33 3.23 -4.33 18.40
C GLU A 33 2.45 -5.16 17.39
N ILE A 34 1.70 -4.50 16.51
CA ILE A 34 0.97 -5.17 15.42
C ILE A 34 1.93 -5.86 14.45
N ILE A 35 2.96 -5.12 14.03
CA ILE A 35 3.98 -5.66 13.12
C ILE A 35 4.94 -6.58 13.88
N GLU A 36 5.10 -6.34 15.18
CA GLU A 36 5.89 -7.20 16.06
C GLU A 36 5.20 -8.52 16.41
N LYS A 37 3.92 -8.63 16.04
CA LYS A 37 3.20 -9.91 16.17
C LYS A 37 3.78 -10.96 15.22
N PHE A 38 4.30 -10.50 14.08
CA PHE A 38 5.04 -11.34 13.14
C PHE A 38 6.39 -11.74 13.71
N GLY A 39 6.85 -10.97 14.69
CA GLY A 39 8.16 -11.18 15.30
C GLY A 39 8.88 -9.86 15.44
N GLU A 40 10.04 -9.90 16.09
CA GLU A 40 10.88 -8.72 16.28
C GLU A 40 11.33 -8.17 14.92
N ILE A 41 11.45 -6.84 14.85
CA ILE A 41 11.81 -6.14 13.62
C ILE A 41 12.33 -4.74 13.94
N ASP A 42 13.20 -4.21 13.07
CA ASP A 42 13.75 -2.86 13.23
C ASP A 42 12.89 -1.86 12.48
N PHE A 43 12.45 -0.82 13.19
CA PHE A 43 11.62 0.24 12.61
C PHE A 43 12.42 1.50 12.28
N ASN A 44 13.74 1.43 12.42
CA ASN A 44 14.60 2.59 12.21
C ASN A 44 14.98 2.79 10.74
N LEU A 45 14.13 3.52 10.02
CA LEU A 45 14.47 4.05 8.70
C LEU A 45 14.53 5.57 8.79
N ARG A 46 15.59 6.16 8.24
CA ARG A 46 15.75 7.61 8.19
C ARG A 46 14.56 8.27 7.51
N SER A 47 14.11 9.40 8.05
CA SER A 47 13.04 10.17 7.40
C SER A 47 13.46 10.58 5.99
N VAL A 48 14.72 10.99 5.82
CA VAL A 48 15.24 11.40 4.51
C VAL A 48 15.06 10.30 3.45
N LEU A 49 15.28 9.05 3.84
CA LEU A 49 15.05 7.92 2.95
C LEU A 49 13.56 7.71 2.68
N VAL A 50 12.78 7.62 3.75
CA VAL A 50 11.32 7.39 3.66
C VAL A 50 10.60 8.41 2.79
N ARG A 51 10.96 9.70 2.93
CA ARG A 51 10.35 10.76 2.12
C ARG A 51 10.42 10.48 0.62
N GLU A 52 11.52 9.83 0.20
CA GLU A 52 11.74 9.57 -1.23
C GLU A 52 11.25 8.20 -1.72
N LEU A 53 10.50 7.49 -0.90
CA LEU A 53 9.94 6.22 -1.36
C LEU A 53 8.66 6.45 -2.17
N ARG A 54 8.84 7.02 -3.35
CA ARG A 54 7.77 7.33 -4.28
C ARG A 54 7.97 6.49 -5.53
N GLY A 55 6.86 6.08 -6.14
CA GLY A 55 6.90 5.33 -7.42
C GLY A 55 7.77 5.98 -8.48
N SER A 56 7.54 7.28 -8.74
CA SER A 56 8.25 7.99 -9.82
C SER A 56 9.73 8.21 -9.52
N VAL A 57 10.12 8.01 -8.25
CA VAL A 57 11.52 8.12 -7.84
C VAL A 57 12.21 6.75 -7.87
N LEU A 58 11.55 5.75 -7.29
CA LEU A 58 12.13 4.41 -7.13
C LEU A 58 12.20 3.63 -8.42
N ILE A 59 11.25 3.86 -9.31
CA ILE A 59 11.20 3.12 -10.58
C ILE A 59 12.03 3.87 -11.62
N LYS A 60 13.30 3.49 -11.73
CA LYS A 60 14.24 4.13 -12.66
C LYS A 60 13.90 3.86 -14.12
N ASP A 61 13.17 2.78 -14.39
CA ASP A 61 12.79 2.44 -15.77
C ASP A 61 11.60 3.26 -16.26
N MET A 62 11.04 4.09 -15.35
CA MET A 62 9.91 4.95 -15.72
C MET A 62 10.36 6.07 -16.66
N PRO A 63 9.69 6.19 -17.83
CA PRO A 63 10.02 7.26 -18.76
C PRO A 63 9.72 8.62 -18.16
N GLN A 64 10.55 9.60 -18.48
CA GLN A 64 10.39 10.96 -17.94
C GLN A 64 8.98 11.49 -18.19
N SER A 65 8.44 11.20 -19.38
CA SER A 65 7.11 11.66 -19.78
C SER A 65 6.02 11.15 -18.82
N LEU A 66 6.17 9.90 -18.37
CA LEU A 66 5.26 9.31 -17.39
C LEU A 66 5.52 9.88 -15.98
N ALA A 67 6.78 9.96 -15.57
CA ALA A 67 7.10 10.46 -14.24
C ALA A 67 6.55 11.87 -14.02
N GLU A 68 6.55 12.68 -15.07
CA GLU A 68 6.09 14.07 -14.98
C GLU A 68 4.58 14.20 -14.76
N VAL A 69 3.83 13.17 -15.15
CA VAL A 69 2.36 13.17 -14.98
C VAL A 69 1.86 12.04 -14.07
N TYR A 70 2.80 11.36 -13.41
CA TYR A 70 2.47 10.19 -12.58
C TYR A 70 1.54 10.51 -11.40
N GLU A 71 1.71 11.66 -10.76
CA GLU A 71 0.76 12.08 -9.72
C GLU A 71 -0.69 12.08 -10.21
N SER A 72 -0.91 12.67 -11.39
CA SER A 72 -2.26 12.72 -11.96
C SER A 72 -2.78 11.33 -12.31
N VAL A 73 -1.88 10.46 -12.77
CA VAL A 73 -2.23 9.05 -13.06
C VAL A 73 -2.71 8.37 -11.76
N MET A 74 -1.96 8.54 -10.68
CA MET A 74 -2.34 7.99 -9.37
C MET A 74 -3.69 8.55 -8.90
N LYS A 75 -3.85 9.87 -8.97
CA LYS A 75 -5.07 10.55 -8.50
C LYS A 75 -6.31 10.15 -9.30
N ASP A 76 -6.13 9.92 -10.59
CA ASP A 76 -7.22 9.42 -11.43
C ASP A 76 -7.76 8.08 -10.90
N PHE A 77 -6.86 7.18 -10.54
CA PHE A 77 -7.22 5.87 -9.97
C PHE A 77 -7.92 6.07 -8.63
N TYR A 78 -7.30 6.86 -7.75
CA TYR A 78 -7.83 7.13 -6.41
C TYR A 78 -9.25 7.72 -6.46
N GLU A 79 -9.43 8.73 -7.31
CA GLU A 79 -10.72 9.45 -7.43
C GLU A 79 -11.87 8.56 -7.89
N ARG A 80 -11.52 7.56 -8.71
CA ARG A 80 -12.46 6.55 -9.19
C ARG A 80 -13.10 5.79 -8.02
N TYR A 81 -12.36 5.63 -6.93
CA TYR A 81 -12.84 4.93 -5.74
C TYR A 81 -12.98 5.85 -4.51
N GLY A 82 -13.11 7.15 -4.77
CA GLY A 82 -13.39 8.14 -3.73
C GLY A 82 -12.30 8.35 -2.68
N PHE A 83 -11.05 8.14 -3.09
CA PHE A 83 -9.91 8.30 -2.21
C PHE A 83 -9.16 9.56 -2.62
N GLN A 84 -8.69 10.30 -1.63
CA GLN A 84 -7.84 11.47 -1.84
C GLN A 84 -6.60 11.30 -1.00
N ALA A 85 -5.45 11.52 -1.62
CA ALA A 85 -4.17 11.38 -0.97
C ALA A 85 -4.08 12.41 0.14
N SER A 86 -3.68 11.96 1.33
CA SER A 86 -3.50 12.82 2.50
C SER A 86 -2.04 13.26 2.61
N GLU A 87 -1.81 14.57 2.48
CA GLU A 87 -0.51 15.20 2.83
C GLU A 87 0.68 14.97 1.92
N LEU A 88 0.87 13.74 1.44
CA LEU A 88 2.08 13.34 0.72
C LEU A 88 1.81 13.25 -0.79
N HIS A 89 2.87 13.13 -1.59
CA HIS A 89 2.71 12.88 -3.02
C HIS A 89 1.87 11.62 -3.23
N ALA A 90 1.06 11.63 -4.28
CA ALA A 90 0.11 10.56 -4.53
C ALA A 90 0.81 9.23 -4.82
N ASP A 91 2.06 9.28 -5.29
CA ASP A 91 2.80 8.03 -5.56
C ASP A 91 3.71 7.61 -4.41
N HIS A 92 3.58 8.26 -3.25
CA HIS A 92 4.31 7.82 -2.08
C HIS A 92 3.80 6.47 -1.56
N ILE A 93 4.72 5.60 -1.16
CA ILE A 93 4.33 4.27 -0.63
C ILE A 93 3.25 4.33 0.47
N ALA A 94 3.35 5.29 1.40
CA ALA A 94 2.36 5.42 2.47
C ALA A 94 0.93 5.66 1.94
N VAL A 95 0.83 6.42 0.86
CA VAL A 95 -0.46 6.76 0.26
C VAL A 95 -1.03 5.57 -0.50
N GLU A 96 -0.17 4.91 -1.25
CA GLU A 96 -0.55 3.71 -2.02
C GLU A 96 -1.04 2.59 -1.09
N LEU A 97 -0.33 2.39 0.02
CA LEU A 97 -0.77 1.46 1.06
C LEU A 97 -2.10 1.86 1.70
N ALA A 98 -2.26 3.14 2.04
CA ALA A 98 -3.54 3.66 2.54
C ALA A 98 -4.68 3.41 1.56
N PHE A 99 -4.44 3.64 0.28
CA PHE A 99 -5.48 3.39 -0.72
C PHE A 99 -5.88 1.90 -0.75
N MET A 100 -4.88 1.01 -0.71
CA MET A 100 -5.17 -0.44 -0.61
C MET A 100 -6.01 -0.77 0.63
N SER A 101 -5.66 -0.20 1.79
CA SER A 101 -6.45 -0.46 2.98
C SER A 101 -7.92 -0.06 2.80
N LYS A 102 -8.16 1.04 2.09
CA LYS A 102 -9.51 1.51 1.83
C LYS A 102 -10.30 0.64 0.86
N LEU A 103 -9.63 0.15 -0.18
CA LEU A 103 -10.24 -0.80 -1.11
C LEU A 103 -10.63 -2.09 -0.39
N VAL A 104 -9.74 -2.56 0.49
CA VAL A 104 -9.96 -3.80 1.25
C VAL A 104 -11.05 -3.62 2.30
N GLU A 105 -11.07 -2.46 2.98
CA GLU A 105 -12.16 -2.14 3.90
C GLU A 105 -13.54 -2.16 3.22
N ARG A 106 -13.61 -1.68 1.97
CA ARG A 106 -14.85 -1.74 1.20
C ARG A 106 -15.21 -3.18 0.84
N GLU A 107 -14.18 -3.99 0.59
CA GLU A 107 -14.36 -5.42 0.33
C GLU A 107 -15.02 -6.16 1.50
N ILE A 108 -14.64 -5.78 2.72
CA ILE A 108 -15.16 -6.43 3.94
C ILE A 108 -16.68 -6.38 3.97
N SER A 109 -17.24 -5.19 3.75
CA SER A 109 -18.67 -4.96 3.72
C SER A 109 -19.38 -5.68 2.56
N LEU A 110 -18.79 -5.61 1.37
CA LEU A 110 -19.38 -6.19 0.17
C LEU A 110 -19.46 -7.71 0.24
N ALA A 111 -18.49 -8.32 0.93
CA ALA A 111 -18.46 -9.76 1.16
C ALA A 111 -19.60 -10.21 2.08
N GLN A 112 -19.89 -9.39 3.09
CA GLN A 112 -20.92 -9.72 4.07
C GLN A 112 -22.32 -9.28 3.65
N GLN A 113 -22.39 -8.30 2.74
CA GLN A 113 -23.64 -7.95 2.05
C GLN A 113 -23.90 -8.95 0.92
N MET A 114 -22.97 -9.88 0.73
CA MET A 114 -23.05 -10.96 -0.27
C MET A 114 -23.27 -10.41 -1.69
N LYS A 115 -22.65 -9.27 -1.97
CA LYS A 115 -22.76 -8.62 -3.27
C LYS A 115 -21.69 -9.19 -4.21
N GLU A 116 -22.02 -10.30 -4.88
CA GLU A 116 -21.05 -11.06 -5.66
C GLU A 116 -20.33 -10.24 -6.75
N GLU A 117 -21.09 -9.51 -7.56
CA GLU A 117 -20.52 -8.79 -8.70
C GLU A 117 -19.62 -7.64 -8.27
N GLU A 118 -20.06 -6.87 -7.28
CA GLU A 118 -19.27 -5.75 -6.76
C GLU A 118 -18.02 -6.23 -6.01
N LEU A 119 -18.14 -7.38 -5.35
CA LEU A 119 -16.99 -8.00 -4.66
C LEU A 119 -15.89 -8.41 -5.65
N TYR A 120 -16.29 -9.03 -6.76
CA TYR A 120 -15.33 -9.34 -7.82
C TYR A 120 -14.68 -8.07 -8.35
N LYS A 121 -15.49 -7.04 -8.59
CA LYS A 121 -15.01 -5.77 -9.14
C LYS A 121 -14.02 -5.06 -8.22
N ILE A 122 -14.28 -5.05 -6.92
CA ILE A 122 -13.36 -4.42 -5.99
C ILE A 122 -12.02 -5.18 -5.90
N ARG A 123 -12.09 -6.52 -5.94
CA ARG A 123 -10.88 -7.33 -5.90
C ARG A 123 -10.08 -7.16 -7.19
N ALA A 124 -10.79 -7.02 -8.30
CA ALA A 124 -10.16 -6.79 -9.59
C ALA A 124 -9.44 -5.46 -9.60
N ALA A 125 -10.05 -4.43 -9.01
CA ALA A 125 -9.43 -3.11 -8.88
C ALA A 125 -8.17 -3.16 -8.01
N GLN A 126 -8.22 -3.91 -6.93
CA GLN A 126 -7.04 -4.09 -6.07
C GLN A 126 -5.87 -4.70 -6.83
N HIS A 127 -6.16 -5.74 -7.61
CA HIS A 127 -5.12 -6.42 -8.35
C HIS A 127 -4.54 -5.53 -9.46
N ARG A 128 -5.42 -4.80 -10.14
CA ARG A 128 -5.02 -3.83 -11.13
C ARG A 128 -4.12 -2.77 -10.51
N PHE A 129 -4.50 -2.27 -9.34
CA PHE A 129 -3.69 -1.28 -8.63
C PHE A 129 -2.31 -1.82 -8.22
N ILE A 130 -2.26 -3.03 -7.67
CA ILE A 130 -0.98 -3.66 -7.33
C ILE A 130 -0.09 -3.86 -8.58
N LYS A 131 -0.66 -4.42 -9.65
CA LYS A 131 0.14 -4.66 -10.85
C LYS A 131 0.67 -3.37 -11.48
N ALA A 132 -0.16 -2.33 -11.55
CA ALA A 132 0.25 -1.09 -12.20
C ALA A 132 1.17 -0.21 -11.36
N HIS A 133 0.95 -0.20 -10.04
CA HIS A 133 1.55 0.84 -9.20
C HIS A 133 2.32 0.35 -7.98
N LEU A 134 1.67 -0.42 -7.12
CA LEU A 134 2.30 -0.74 -5.84
C LEU A 134 3.41 -1.77 -5.95
N GLN A 135 3.17 -2.83 -6.73
CA GLN A 135 4.20 -3.84 -6.91
C GLN A 135 5.45 -3.28 -7.61
N PRO A 136 5.29 -2.49 -8.70
CA PRO A 136 6.50 -1.88 -9.29
C PRO A 136 7.28 -1.01 -8.30
N LEU A 137 6.57 -0.27 -7.46
CA LEU A 137 7.20 0.53 -6.39
C LEU A 137 7.97 -0.37 -5.43
N VAL A 138 7.31 -1.39 -4.90
CA VAL A 138 7.92 -2.17 -3.83
C VAL A 138 9.08 -3.03 -4.33
N LYS A 139 9.03 -3.44 -5.59
CA LYS A 139 10.10 -4.23 -6.21
C LYS A 139 11.39 -3.41 -6.38
N ASN A 140 11.27 -2.10 -6.26
CA ASN A 140 12.39 -1.18 -6.39
C ASN A 140 12.86 -0.58 -5.07
N LEU A 141 12.38 -1.15 -3.96
CA LEU A 141 12.79 -0.69 -2.63
C LEU A 141 14.19 -1.20 -2.29
N PRO A 142 14.98 -0.34 -1.61
CA PRO A 142 16.26 -0.81 -1.08
C PRO A 142 16.01 -1.84 0.03
N SER A 143 17.04 -2.63 0.37
CA SER A 143 16.92 -3.67 1.38
C SER A 143 16.97 -3.13 2.81
N ALA A 144 15.93 -3.44 3.58
CA ALA A 144 15.84 -3.12 5.00
C ALA A 144 14.70 -3.97 5.60
N PRO A 145 14.77 -4.31 6.90
CA PRO A 145 13.76 -5.21 7.47
C PRO A 145 12.30 -4.80 7.20
N LEU A 146 11.96 -3.54 7.45
CA LEU A 146 10.60 -3.08 7.17
C LEU A 146 10.25 -3.14 5.68
N LEU A 147 11.19 -2.75 4.81
CA LEU A 147 10.92 -2.70 3.38
C LEU A 147 10.77 -4.09 2.78
N ASN A 148 11.59 -5.02 3.27
CA ASN A 148 11.50 -6.43 2.85
C ASN A 148 10.18 -7.10 3.27
N PHE A 149 9.69 -6.72 4.44
CA PHE A 149 8.39 -7.17 4.94
C PHE A 149 7.28 -6.71 4.00
N VAL A 150 7.35 -5.44 3.57
CA VAL A 150 6.38 -4.87 2.63
C VAL A 150 6.42 -5.61 1.28
N ARG A 151 7.64 -5.85 0.77
CA ARG A 151 7.85 -6.66 -0.43
C ARG A 151 7.15 -8.01 -0.32
N ASP A 152 7.44 -8.73 0.76
CA ASP A 152 6.91 -10.07 0.98
C ASP A 152 5.38 -10.03 1.03
N PHE A 153 4.84 -9.06 1.77
CA PHE A 153 3.40 -8.92 1.91
C PHE A 153 2.69 -8.61 0.60
N VAL A 154 3.19 -7.64 -0.16
CA VAL A 154 2.57 -7.25 -1.42
C VAL A 154 2.66 -8.39 -2.45
N ARG A 155 3.82 -9.03 -2.53
CA ARG A 155 3.97 -10.21 -3.42
C ARG A 155 2.96 -11.31 -3.12
N GLU A 156 2.82 -11.67 -1.84
CA GLU A 156 1.85 -12.69 -1.43
C GLU A 156 0.39 -12.25 -1.59
N ASP A 157 0.11 -10.97 -1.35
CA ASP A 157 -1.25 -10.44 -1.53
C ASP A 157 -1.73 -10.45 -2.98
N ALA A 158 -0.84 -10.14 -3.92
CA ALA A 158 -1.19 -10.16 -5.34
C ALA A 158 -1.49 -11.57 -5.82
N LYS A 159 -0.74 -12.55 -5.29
CA LYS A 159 -0.98 -13.96 -5.58
C LYS A 159 -2.34 -14.39 -5.03
N TYR A 160 -2.65 -13.95 -3.81
CA TYR A 160 -3.95 -14.20 -3.18
C TYR A 160 -5.10 -13.66 -4.04
N LEU A 161 -4.99 -12.40 -4.45
CA LEU A 161 -6.00 -11.75 -5.31
C LEU A 161 -6.13 -12.42 -6.68
N TYR A 162 -5.00 -12.72 -7.31
CA TYR A 162 -4.98 -13.43 -8.60
C TYR A 162 -5.74 -14.76 -8.52
N SER A 163 -5.45 -15.53 -7.48
CA SER A 163 -6.11 -16.82 -7.23
C SER A 163 -7.62 -16.67 -6.96
N SER A 164 -7.99 -15.60 -6.25
CA SER A 164 -9.40 -15.34 -5.93
C SER A 164 -10.17 -14.82 -7.15
N LEU A 165 -9.44 -14.29 -8.13
CA LEU A 165 -10.05 -13.82 -9.36
C LEU A 165 -10.04 -14.92 -10.43
C3' NHE B . -0.92 -18.77 -11.62
C2' NHE B . -0.43 -17.70 -10.60
C1' NHE B . 0.29 -16.51 -11.26
C6' NHE B . 0.08 -16.49 -12.78
N NHE B . -0.18 -15.25 -10.66
C1 NHE B . 0.98 -14.41 -10.34
C2 NHE B . 0.60 -13.41 -9.25
S NHE B . 0.50 -11.72 -9.93
O1 NHE B . 1.39 -11.62 -11.13
O2 NHE B . 0.95 -10.71 -8.92
O3 NHE B . -0.90 -11.43 -10.36
C5' NHE B . 0.60 -17.79 -13.44
C4' NHE B . 0.11 -19.06 -12.72
#